data_7EBQ
#
_entry.id   7EBQ
#
_cell.length_a   64.170
_cell.length_b   113.469
_cell.length_c   164.579
_cell.angle_alpha   90.000
_cell.angle_beta   90.000
_cell.angle_gamma   90.000
#
_symmetry.space_group_name_H-M   'C 2 2 21'
#
loop_
_entity.id
_entity.type
_entity.pdbx_description
1 polymer Sulfatase
2 non-polymer 2-acetamido-2-deoxy-beta-D-glucopyranose
3 non-polymer 'CALCIUM ION'
4 water water
#
_entity_poly.entity_id   1
_entity_poly.type   'polypeptide(L)'
_entity_poly.pdbx_seq_one_letter_code
;QTKAEENKKPNILFIITDDHAYQTLGTGNNDSPVALPNFNKLGRQGMVFDRSYCANSLCGPSRACILTGRHSHMNGFVFN
GQRPLDGSQPTYPKMLQKAGYQTGLFGKWHLESDPTGFDTWEIFPGQGSYYNPDFISLKPDGKRQTKRFPGYATDVVTDK
SIQWLGNRDKNKPFLLVVGHKAPHRAWCPALRHLGKVDTSSMTPPANFHDDYANRPEFLKKNQQTVANHMAIYSDLKVLK
DQVPEEMRKSIVSPGYGWDLGELNRMTPEEKKTWTDYYAKRTKSLVDGMKSGKLKDPKAFAEWKWHAYMEDYLGCLLSVD
DSIGRLMEYLDKEGIAKDTLVIYCGDQGFYMGEHGMYDKRWIFEESLRMPLIMRWPGKIPAGIRNNTMVQNIDYAPTIVS
AAGADTPENMNTFQGVSLLPTAFTGKTPDNWRDAIYYCFYENPGEHNAPRHDGIRTDRYTLSYIWTSDEWMLFDMKKDPM
QMKNVIDDPAYKTTVEQLKKRYHELRKTYKVPENSPGGKGTPIPKFDASW
;
_entity_poly.pdbx_strand_id   A
#
loop_
_chem_comp.id
_chem_comp.type
_chem_comp.name
_chem_comp.formula
CA non-polymer 'CALCIUM ION' 'Ca 2'
NAG D-saccharide, beta linking 2-acetamido-2-deoxy-beta-D-glucopyranose 'C8 H15 N O6'
#
# COMPACT_ATOMS: atom_id res chain seq x y z
N LYS A 9 0.02 12.21 -27.16
CA LYS A 9 -0.73 11.47 -26.14
C LYS A 9 0.05 10.26 -25.66
N PRO A 10 0.58 10.34 -24.45
CA PRO A 10 1.46 9.28 -23.96
C PRO A 10 0.70 8.05 -23.51
N ASN A 11 1.35 6.88 -23.64
CA ASN A 11 0.84 5.72 -22.95
C ASN A 11 0.94 5.93 -21.44
N ILE A 12 0.22 5.10 -20.70
CA ILE A 12 0.17 5.24 -19.24
C ILE A 12 0.24 3.83 -18.65
N LEU A 13 1.42 3.47 -18.16
CA LEU A 13 1.63 2.20 -17.48
C LEU A 13 1.69 2.47 -15.99
N PHE A 14 0.68 1.96 -15.25
CA PHE A 14 0.46 2.25 -13.84
C PHE A 14 0.60 0.96 -13.05
N ILE A 15 1.65 0.86 -12.25
CA ILE A 15 1.95 -0.34 -11.49
C ILE A 15 1.65 -0.05 -10.03
N ILE A 16 0.84 -0.91 -9.41
CA ILE A 16 0.36 -0.68 -8.06
C ILE A 16 0.49 -1.95 -7.24
N THR A 17 1.33 -1.88 -6.21
CA THR A 17 1.55 -3.05 -5.35
C THR A 17 0.62 -2.96 -4.14
N ASP A 18 0.54 -4.04 -3.39
CA ASP A 18 -0.34 -4.09 -2.20
C ASP A 18 0.57 -4.04 -0.97
N ASP A 19 0.45 -2.99 -0.15
CA ASP A 19 1.23 -2.88 1.12
C ASP A 19 2.74 -2.77 0.90
N HIS A 20 3.20 -2.01 -0.10
CA HIS A 20 4.66 -1.80 -0.28
C HIS A 20 5.14 -0.65 0.62
N ALA A 21 6.06 -0.95 1.53
CA ALA A 21 6.61 0.08 2.44
C ALA A 21 7.73 0.83 1.72
N TYR A 22 7.72 2.16 1.85
CA TYR A 22 8.76 2.97 1.24
C TYR A 22 10.14 2.66 1.82
N GLN A 23 10.20 2.23 3.08
CA GLN A 23 11.45 1.76 3.67
C GLN A 23 12.11 0.67 2.85
N THR A 24 11.40 0.09 1.87
CA THR A 24 11.93 -1.02 1.08
C THR A 24 11.74 -0.77 -0.40
N LEU A 25 11.60 0.49 -0.79
CA LEU A 25 11.31 0.79 -2.19
C LEU A 25 12.47 0.40 -3.09
N GLY A 26 13.70 0.52 -2.59
CA GLY A 26 14.88 0.11 -3.32
C GLY A 26 15.48 1.13 -4.26
N THR A 27 15.21 2.42 -4.05
CA THR A 27 15.66 3.45 -4.98
C THR A 27 17.03 4.00 -4.64
N GLY A 28 17.58 3.65 -3.49
CA GLY A 28 18.75 4.34 -3.00
C GLY A 28 19.37 3.56 -1.86
N ASN A 29 20.31 4.21 -1.18
CA ASN A 29 21.07 3.50 -0.16
C ASN A 29 20.30 3.35 1.13
N ASN A 30 19.15 4.00 1.26
CA ASN A 30 18.44 4.02 2.53
C ASN A 30 17.11 3.28 2.50
N ASP A 31 16.69 2.78 1.34
CA ASP A 31 15.43 2.04 1.21
C ASP A 31 15.65 0.69 0.54
N SER A 32 16.85 0.14 0.68
CA SER A 32 17.15 -1.15 0.01
C SER A 32 17.59 -2.21 1.03
N PRO A 33 16.71 -2.68 1.93
CA PRO A 33 17.08 -3.75 2.86
C PRO A 33 17.43 -4.96 2.01
N VAL A 34 16.67 -5.20 0.94
CA VAL A 34 17.03 -6.23 -0.06
C VAL A 34 17.36 -5.44 -1.34
N ALA A 35 18.31 -5.94 -2.13
CA ALA A 35 18.68 -5.26 -3.36
C ALA A 35 17.61 -5.48 -4.42
N LEU A 36 17.02 -4.39 -4.92
CA LEU A 36 16.00 -4.45 -5.97
C LEU A 36 16.56 -3.74 -7.19
N PRO A 37 17.27 -4.44 -8.06
CA PRO A 37 17.91 -3.75 -9.19
C PRO A 37 16.93 -3.02 -10.09
N ASN A 38 15.83 -3.66 -10.51
CA ASN A 38 14.90 -2.96 -11.39
C ASN A 38 14.18 -1.80 -10.70
N PHE A 39 13.92 -1.90 -9.40
CA PHE A 39 13.42 -0.73 -8.68
C PHE A 39 14.43 0.40 -8.73
N ASN A 40 15.71 0.06 -8.62
CA ASN A 40 16.73 1.11 -8.58
C ASN A 40 16.88 1.76 -9.94
N LYS A 41 16.81 0.97 -11.01
CA LYS A 41 16.92 1.52 -12.35
C LYS A 41 15.81 2.54 -12.63
N LEU A 42 14.56 2.14 -12.37
CA LEU A 42 13.42 3.01 -12.59
C LEU A 42 13.59 4.30 -11.81
N GLY A 43 14.10 4.19 -10.59
CA GLY A 43 14.56 5.38 -9.90
C GLY A 43 15.59 6.15 -10.72
N ARG A 44 16.66 5.51 -11.14
CA ARG A 44 17.76 6.23 -11.86
C ARG A 44 17.24 6.90 -13.13
N GLN A 45 16.21 6.34 -13.75
CA GLN A 45 15.68 6.88 -15.02
C GLN A 45 14.55 7.87 -14.76
N GLY A 46 14.19 8.07 -13.50
CA GLY A 46 13.03 8.91 -13.24
C GLY A 46 13.07 9.58 -11.87
N MET A 47 11.87 9.84 -11.33
CA MET A 47 11.71 10.65 -10.13
C MET A 47 10.99 9.85 -9.04
N VAL A 48 11.58 9.84 -7.84
CA VAL A 48 10.96 9.31 -6.63
C VAL A 48 10.43 10.47 -5.82
N PHE A 49 9.22 10.30 -5.27
CA PHE A 49 8.58 11.33 -4.44
C PHE A 49 8.67 10.92 -2.99
N ASP A 50 9.66 11.46 -2.28
CA ASP A 50 9.90 11.03 -0.92
C ASP A 50 8.88 11.59 0.06
N ARG A 51 7.99 12.44 -0.41
CA ARG A 51 7.02 13.05 0.48
C ARG A 51 5.64 12.77 -0.09
N SER A 52 5.39 11.49 -0.39
CA SER A 52 4.20 11.01 -1.08
C SER A 52 3.31 10.31 -0.05
N TYR A 53 2.06 10.76 0.08
CA TYR A 53 1.17 10.26 1.12
C TYR A 53 -0.15 9.80 0.52
N CYS A 54 -0.90 8.98 1.28
CA CYS A 54 -2.27 8.65 0.90
C CYS A 54 -3.28 9.48 1.70
N ALA A 55 -4.58 9.25 1.47
CA ALA A 55 -5.64 10.00 2.18
C ALA A 55 -6.43 9.08 3.12
N ASN A 56 -6.22 7.77 3.04
CA ASN A 56 -6.91 6.76 3.89
C ASN A 56 -6.05 5.52 3.76
N SER A 57 -5.26 5.15 4.77
CA SER A 57 -4.31 4.02 4.65
C SER A 57 -5.00 2.65 4.63
N LEU A 58 -5.74 2.34 3.55
CA LEU A 58 -6.39 1.01 3.39
C LEU A 58 -6.43 0.70 1.89
N CYS A 59 -6.40 -0.58 1.49
CA CYS A 59 -6.29 -0.90 0.04
C CYS A 59 -7.49 -0.42 -0.77
N GLY A 60 -8.70 -0.74 -0.35
CA GLY A 60 -9.90 -0.35 -1.12
C GLY A 60 -10.11 1.15 -1.16
N PRO A 61 -10.00 1.86 -0.02
CA PRO A 61 -10.13 3.32 0.00
C PRO A 61 -9.07 4.03 -0.85
N SER A 62 -7.82 3.54 -0.82
CA SER A 62 -6.77 4.24 -1.55
C SER A 62 -6.94 4.05 -3.05
N ARG A 63 -7.29 2.84 -3.45
CA ARG A 63 -7.62 2.60 -4.86
C ARG A 63 -8.77 3.50 -5.34
N ALA A 64 -9.77 3.73 -4.49
CA ALA A 64 -10.86 4.64 -4.87
C ALA A 64 -10.38 6.08 -4.94
N CYS A 65 -9.44 6.47 -4.08
CA CYS A 65 -8.88 7.81 -4.18
C CYS A 65 -8.12 7.98 -5.49
N ILE A 66 -7.17 7.08 -5.76
CA ILE A 66 -6.43 7.14 -7.01
C ILE A 66 -7.41 7.29 -8.17
N LEU A 67 -8.46 6.49 -8.17
CA LEU A 67 -9.37 6.45 -9.32
C LEU A 67 -10.11 7.78 -9.49
N THR A 68 -10.53 8.41 -8.38
CA THR A 68 -11.46 9.53 -8.45
C THR A 68 -10.82 10.88 -8.22
N GLY A 69 -9.57 10.92 -7.74
CA GLY A 69 -8.97 12.18 -7.38
C GLY A 69 -9.71 12.87 -6.27
N ARG A 70 -10.45 12.11 -5.47
CA ARG A 70 -11.31 12.63 -4.42
C ARG A 70 -11.19 11.79 -3.16
N HIS A 71 -11.29 12.47 -2.02
CA HIS A 71 -11.23 11.84 -0.71
C HIS A 71 -12.31 10.77 -0.53
N SER A 72 -12.12 9.93 0.50
CA SER A 72 -13.00 8.79 0.73
C SER A 72 -14.44 9.23 0.89
N HIS A 73 -14.70 10.22 1.75
CA HIS A 73 -16.08 10.65 1.96
C HIS A 73 -16.72 11.20 0.69
N MET A 74 -15.92 11.71 -0.24
CA MET A 74 -16.49 12.22 -1.48
C MET A 74 -16.70 11.11 -2.49
N ASN A 75 -15.90 10.04 -2.42
CA ASN A 75 -16.01 8.96 -3.41
C ASN A 75 -16.80 7.76 -2.88
N GLY A 76 -17.02 7.68 -1.58
CA GLY A 76 -17.98 6.75 -1.02
C GLY A 76 -17.39 5.48 -0.46
N PHE A 77 -16.21 5.09 -0.93
CA PHE A 77 -15.54 3.88 -0.46
C PHE A 77 -14.60 4.27 0.68
N VAL A 78 -15.05 4.02 1.91
CA VAL A 78 -14.36 4.53 3.10
C VAL A 78 -13.73 3.42 3.93
N PHE A 79 -14.00 2.16 3.63
CA PHE A 79 -13.32 1.06 4.31
C PHE A 79 -13.46 -0.19 3.47
N ASN A 80 -12.79 -1.26 3.91
CA ASN A 80 -12.85 -2.51 3.17
C ASN A 80 -14.10 -3.30 3.53
N GLY A 81 -15.27 -2.66 3.46
CA GLY A 81 -16.51 -3.36 3.74
C GLY A 81 -17.12 -3.92 2.49
N GLN A 82 -18.27 -4.59 2.67
CA GLN A 82 -18.96 -5.26 1.58
C GLN A 82 -19.89 -4.33 0.79
N ARG A 83 -19.69 -3.02 0.91
CA ARG A 83 -20.48 -2.05 0.19
C ARG A 83 -19.71 -1.63 -1.05
N PRO A 84 -20.20 -1.97 -2.24
CA PRO A 84 -19.37 -1.80 -3.45
C PRO A 84 -19.18 -0.34 -3.82
N LEU A 85 -18.09 -0.09 -4.55
CA LEU A 85 -17.80 1.26 -5.01
C LEU A 85 -18.77 1.65 -6.10
N ASP A 86 -19.23 2.90 -6.05
CA ASP A 86 -20.09 3.46 -7.09
C ASP A 86 -19.31 3.66 -8.39
N GLY A 87 -19.35 2.66 -9.28
CA GLY A 87 -18.60 2.75 -10.53
C GLY A 87 -19.17 3.68 -11.58
N SER A 88 -20.26 4.37 -11.27
CA SER A 88 -20.91 5.29 -12.19
C SER A 88 -20.39 6.71 -12.09
N GLN A 89 -19.60 6.97 -11.04
CA GLN A 89 -19.05 8.32 -10.80
C GLN A 89 -17.86 8.57 -11.71
N PRO A 90 -17.36 9.82 -11.81
CA PRO A 90 -16.18 10.13 -12.61
C PRO A 90 -14.88 9.44 -12.19
N THR A 91 -14.30 8.61 -13.05
CA THR A 91 -13.00 8.04 -12.76
C THR A 91 -12.06 8.29 -13.93
N TYR A 92 -10.77 8.45 -13.61
CA TYR A 92 -9.79 8.72 -14.66
C TYR A 92 -9.74 7.62 -15.69
N PRO A 93 -9.90 6.33 -15.35
CA PRO A 93 -10.00 5.33 -16.43
C PRO A 93 -11.11 5.67 -17.42
N LYS A 94 -12.30 6.04 -16.92
CA LYS A 94 -13.39 6.36 -17.85
C LYS A 94 -13.12 7.67 -18.59
N MET A 95 -12.51 8.64 -17.92
CA MET A 95 -12.09 9.85 -18.63
C MET A 95 -11.14 9.51 -19.77
N LEU A 96 -10.07 8.75 -19.50
CA LEU A 96 -9.10 8.39 -20.52
C LEU A 96 -9.72 7.56 -21.63
N GLN A 97 -10.62 6.65 -21.28
CA GLN A 97 -11.28 5.85 -22.29
C GLN A 97 -12.12 6.73 -23.20
N LYS A 98 -12.60 7.85 -22.69
CA LYS A 98 -13.36 8.82 -23.47
C LYS A 98 -12.47 9.75 -24.30
N ALA A 99 -11.17 9.78 -24.02
CA ALA A 99 -10.20 10.53 -24.80
C ALA A 99 -9.45 9.64 -25.79
N GLY A 100 -9.93 8.42 -26.04
CA GLY A 100 -9.36 7.59 -27.07
C GLY A 100 -8.41 6.52 -26.59
N TYR A 101 -8.15 6.46 -25.29
CA TYR A 101 -7.23 5.46 -24.77
C TYR A 101 -7.86 4.08 -24.80
N GLN A 102 -7.02 3.08 -25.02
CA GLN A 102 -7.37 1.69 -24.74
C GLN A 102 -6.99 1.41 -23.29
N THR A 103 -7.86 0.70 -22.57
CA THR A 103 -7.75 0.63 -21.13
C THR A 103 -7.76 -0.81 -20.67
N GLY A 104 -6.82 -1.15 -19.79
CA GLY A 104 -6.67 -2.51 -19.34
C GLY A 104 -6.30 -2.54 -17.88
N LEU A 105 -6.71 -3.61 -17.22
CA LEU A 105 -6.51 -3.75 -15.78
C LEU A 105 -6.35 -5.22 -15.47
N PHE A 106 -5.31 -5.54 -14.71
CA PHE A 106 -4.98 -6.92 -14.38
C PHE A 106 -4.57 -6.97 -12.92
N GLY A 107 -5.29 -7.76 -12.12
CA GLY A 107 -4.86 -8.11 -10.78
C GLY A 107 -5.79 -7.59 -9.70
N LYS A 108 -5.20 -7.04 -8.64
CA LYS A 108 -5.96 -6.69 -7.45
C LYS A 108 -6.84 -5.47 -7.74
N TRP A 109 -8.15 -5.65 -7.59
CA TRP A 109 -9.13 -4.57 -7.68
C TRP A 109 -9.72 -4.24 -6.31
N HIS A 110 -10.45 -5.17 -5.72
CA HIS A 110 -10.80 -5.09 -4.30
C HIS A 110 -11.78 -3.96 -3.99
N LEU A 111 -12.47 -3.44 -5.02
CA LEU A 111 -13.53 -2.46 -4.81
C LEU A 111 -14.92 -3.02 -5.02
N GLU A 112 -15.06 -4.35 -5.03
CA GLU A 112 -16.34 -5.06 -5.14
C GLU A 112 -16.98 -4.89 -6.51
N SER A 113 -17.30 -3.66 -6.91
CA SER A 113 -18.08 -3.46 -8.12
C SER A 113 -17.26 -3.78 -9.37
N ASP A 114 -17.96 -4.01 -10.46
CA ASP A 114 -17.28 -4.24 -11.73
C ASP A 114 -16.49 -3.00 -12.12
N PRO A 115 -15.25 -3.16 -12.56
CA PRO A 115 -14.45 -1.98 -12.91
C PRO A 115 -15.04 -1.29 -14.13
N THR A 116 -15.15 0.03 -14.05
CA THR A 116 -15.65 0.82 -15.16
C THR A 116 -14.53 1.64 -15.77
N GLY A 117 -14.65 1.90 -17.07
CA GLY A 117 -13.63 2.63 -17.81
C GLY A 117 -12.57 1.77 -18.43
N PHE A 118 -12.66 0.44 -18.31
CA PHE A 118 -11.61 -0.51 -18.68
C PHE A 118 -12.09 -1.45 -19.76
N ASP A 119 -11.58 -1.27 -20.99
CA ASP A 119 -11.89 -2.16 -22.09
C ASP A 119 -11.58 -3.62 -21.78
N THR A 120 -10.60 -3.88 -20.92
CA THR A 120 -10.22 -5.23 -20.54
C THR A 120 -10.03 -5.28 -19.03
N TRP A 121 -10.46 -6.35 -18.39
CA TRP A 121 -10.07 -6.49 -16.99
C TRP A 121 -10.18 -7.93 -16.52
N GLU A 122 -9.23 -8.33 -15.69
CA GLU A 122 -9.22 -9.61 -14.99
C GLU A 122 -8.63 -9.36 -13.61
N ILE A 123 -9.47 -9.43 -12.59
CA ILE A 123 -9.08 -9.02 -11.24
C ILE A 123 -9.19 -10.23 -10.33
N PHE A 124 -8.45 -10.20 -9.21
CA PHE A 124 -8.61 -11.26 -8.22
C PHE A 124 -9.93 -11.09 -7.48
N PRO A 125 -10.55 -12.21 -7.03
CA PRO A 125 -11.70 -12.12 -6.15
C PRO A 125 -11.12 -11.70 -4.79
N GLY A 126 -11.48 -10.52 -4.29
CA GLY A 126 -10.98 -10.03 -2.99
C GLY A 126 -9.48 -9.84 -2.92
N GLN A 127 -8.84 -10.35 -1.86
CA GLN A 127 -7.37 -10.17 -1.67
C GLN A 127 -6.60 -10.85 -2.79
N GLY A 128 -7.08 -12.00 -3.26
CA GLY A 128 -6.35 -12.78 -4.27
C GLY A 128 -5.48 -13.81 -3.59
N SER A 129 -4.86 -14.70 -4.37
CA SER A 129 -3.97 -15.73 -3.79
C SER A 129 -2.63 -15.71 -4.53
N TYR A 130 -1.53 -15.80 -3.78
CA TYR A 130 -0.19 -15.81 -4.38
C TYR A 130 -0.01 -16.96 -5.34
N TYR A 131 -0.37 -18.18 -4.89
CA TYR A 131 -0.07 -19.42 -5.58
C TYR A 131 -1.30 -19.95 -6.32
N ASN A 132 -1.20 -20.06 -7.64
CA ASN A 132 -2.29 -20.56 -8.47
C ASN A 132 -3.50 -19.66 -8.33
N PRO A 133 -3.40 -18.42 -8.79
CA PRO A 133 -4.47 -17.45 -8.53
C PRO A 133 -5.69 -17.69 -9.41
N ASP A 134 -6.85 -17.35 -8.85
CA ASP A 134 -8.10 -17.27 -9.61
C ASP A 134 -8.27 -15.85 -10.14
N PHE A 135 -8.79 -15.73 -11.36
CA PHE A 135 -9.16 -14.44 -11.95
C PHE A 135 -10.65 -14.41 -12.32
N ILE A 136 -11.23 -13.21 -12.24
CA ILE A 136 -12.62 -12.97 -12.60
C ILE A 136 -12.66 -12.04 -13.80
N SER A 137 -13.49 -12.39 -14.78
CA SER A 137 -13.56 -11.60 -16.03
C SER A 137 -14.94 -11.72 -16.65
N LEU A 138 -15.44 -10.64 -17.24
CA LEU A 138 -16.71 -10.77 -18.00
C LEU A 138 -16.39 -11.52 -19.28
N LYS A 139 -17.28 -12.39 -19.74
CA LYS A 139 -17.08 -13.11 -21.03
C LYS A 139 -17.46 -12.13 -22.14
N PRO A 140 -17.36 -12.48 -23.45
CA PRO A 140 -17.89 -11.61 -24.49
C PRO A 140 -19.39 -11.48 -24.18
N ASP A 141 -19.99 -12.51 -23.56
CA ASP A 141 -21.42 -12.45 -23.13
C ASP A 141 -21.59 -11.51 -21.93
N GLY A 142 -20.54 -11.26 -21.12
CA GLY A 142 -20.68 -10.30 -20.04
C GLY A 142 -21.32 -10.82 -18.78
N LYS A 143 -21.21 -12.14 -18.58
CA LYS A 143 -21.67 -12.76 -17.32
C LYS A 143 -20.38 -13.16 -16.61
N ARG A 144 -20.21 -12.80 -15.34
CA ARG A 144 -18.91 -13.03 -14.66
C ARG A 144 -18.50 -14.51 -14.63
N GLN A 145 -17.28 -14.82 -15.11
CA GLN A 145 -16.75 -16.16 -14.97
C GLN A 145 -15.55 -16.11 -14.04
N THR A 146 -15.11 -17.29 -13.59
CA THR A 146 -13.94 -17.38 -12.72
C THR A 146 -13.06 -18.54 -13.16
N LYS A 147 -11.83 -18.23 -13.59
CA LYS A 147 -10.87 -19.21 -14.06
C LYS A 147 -9.59 -19.17 -13.22
N ARG A 148 -8.99 -20.33 -12.98
CA ARG A 148 -7.75 -20.44 -12.23
C ARG A 148 -6.56 -20.55 -13.18
N PHE A 149 -5.50 -19.79 -12.88
CA PHE A 149 -4.30 -19.80 -13.70
C PHE A 149 -3.14 -20.38 -12.89
N PRO A 150 -2.38 -21.33 -13.46
CA PRO A 150 -1.26 -21.92 -12.72
C PRO A 150 -0.03 -21.03 -12.74
N GLY A 151 0.64 -20.95 -11.60
CA GLY A 151 1.81 -20.12 -11.44
C GLY A 151 1.74 -19.28 -10.18
N TYR A 152 2.66 -18.32 -10.09
CA TYR A 152 2.79 -17.44 -8.94
C TYR A 152 2.20 -16.08 -9.31
N ALA A 153 1.32 -15.57 -8.45
CA ALA A 153 0.49 -14.42 -8.83
C ALA A 153 1.33 -13.31 -9.44
N THR A 154 2.45 -12.96 -8.80
CA THR A 154 3.25 -11.83 -9.32
C THR A 154 3.71 -12.11 -10.74
N ASP A 155 4.06 -13.36 -11.04
CA ASP A 155 4.42 -13.72 -12.41
C ASP A 155 3.22 -13.65 -13.34
N VAL A 156 2.09 -14.28 -12.97
CA VAL A 156 0.94 -14.38 -13.87
C VAL A 156 0.38 -13.00 -14.20
N VAL A 157 0.38 -12.08 -13.23
CA VAL A 157 -0.15 -10.75 -13.51
C VAL A 157 0.69 -10.06 -14.57
N THR A 158 2.02 -10.18 -14.45
CA THR A 158 2.90 -9.64 -15.46
C THR A 158 2.69 -10.34 -16.80
N ASP A 159 2.61 -11.67 -16.78
CA ASP A 159 2.32 -12.44 -17.99
C ASP A 159 1.12 -11.85 -18.74
N LYS A 160 -0.03 -11.73 -18.06
CA LYS A 160 -1.22 -11.23 -18.72
C LYS A 160 -1.05 -9.79 -19.20
N SER A 161 -0.39 -8.96 -18.39
CA SER A 161 -0.19 -7.56 -18.75
C SER A 161 0.60 -7.44 -20.05
N ILE A 162 1.74 -8.10 -20.11
CA ILE A 162 2.60 -7.98 -21.29
C ILE A 162 1.90 -8.54 -22.52
N GLN A 163 1.28 -9.72 -22.38
CA GLN A 163 0.49 -10.27 -23.49
C GLN A 163 -0.53 -9.25 -23.99
N TRP A 164 -1.33 -8.69 -23.07
CA TRP A 164 -2.33 -7.69 -23.45
C TRP A 164 -1.69 -6.52 -24.20
N LEU A 165 -0.48 -6.13 -23.81
CA LEU A 165 0.16 -4.99 -24.45
C LEU A 165 0.53 -5.29 -25.89
N GLY A 166 1.07 -6.49 -26.16
CA GLY A 166 1.39 -6.86 -27.53
C GLY A 166 0.17 -7.08 -28.41
N ASN A 167 -0.96 -7.51 -27.83
CA ASN A 167 -2.21 -7.64 -28.56
C ASN A 167 -2.98 -6.33 -28.64
N ARG A 168 -2.35 -5.21 -28.32
CA ARG A 168 -3.07 -3.96 -28.25
C ARG A 168 -3.14 -3.30 -29.63
N ASP A 169 -4.10 -2.40 -29.79
CA ASP A 169 -4.17 -1.55 -30.96
C ASP A 169 -3.09 -0.48 -30.83
N LYS A 170 -1.96 -0.68 -31.51
CA LYS A 170 -0.82 0.23 -31.31
C LYS A 170 -1.07 1.63 -31.86
N ASN A 171 -2.23 1.91 -32.47
CA ASN A 171 -2.52 3.26 -32.89
C ASN A 171 -3.26 4.07 -31.82
N LYS A 172 -3.72 3.41 -30.77
CA LYS A 172 -4.36 4.08 -29.66
C LYS A 172 -3.40 4.08 -28.48
N PRO A 173 -3.18 5.22 -27.83
CA PRO A 173 -2.50 5.21 -26.54
C PRO A 173 -3.22 4.28 -25.59
N PHE A 174 -2.47 3.59 -24.73
CA PHE A 174 -3.09 2.67 -23.79
C PHE A 174 -2.98 3.16 -22.36
N LEU A 175 -3.92 2.70 -21.55
CA LEU A 175 -3.83 2.74 -20.10
C LEU A 175 -3.81 1.30 -19.62
N LEU A 176 -2.71 0.88 -19.01
CA LEU A 176 -2.60 -0.43 -18.40
C LEU A 176 -2.35 -0.26 -16.92
N VAL A 177 -3.19 -0.89 -16.11
CA VAL A 177 -3.06 -0.86 -14.65
C VAL A 177 -2.64 -2.26 -14.21
N VAL A 178 -1.51 -2.33 -13.50
CA VAL A 178 -0.90 -3.60 -13.12
C VAL A 178 -0.96 -3.65 -11.60
N GLY A 179 -1.88 -4.43 -11.05
CA GLY A 179 -2.13 -4.43 -9.62
C GLY A 179 -1.67 -5.69 -8.94
N HIS A 180 -0.55 -5.63 -8.24
CA HIS A 180 -0.01 -6.86 -7.68
C HIS A 180 -0.66 -7.18 -6.34
N LYS A 181 -0.53 -8.44 -5.93
CA LYS A 181 -1.01 -8.82 -4.57
C LYS A 181 0.16 -8.55 -3.62
N ALA A 182 1.39 -8.75 -4.09
CA ALA A 182 2.59 -8.53 -3.25
C ALA A 182 2.83 -7.03 -3.09
N PRO A 183 3.52 -6.59 -2.02
CA PRO A 183 3.80 -7.44 -0.85
C PRO A 183 2.71 -7.53 0.23
N HIS A 184 1.65 -8.30 -0.02
CA HIS A 184 0.51 -8.36 0.96
C HIS A 184 0.47 -9.67 1.73
N ARG A 185 0.05 -9.63 2.97
CA ARG A 185 -0.13 -10.82 3.79
C ARG A 185 -0.82 -11.92 2.99
N ALA A 186 -0.38 -13.18 3.18
CA ALA A 186 0.61 -13.59 4.18
C ALA A 186 2.08 -13.65 3.71
N TRP A 187 2.46 -12.81 2.74
CA TRP A 187 3.86 -12.64 2.35
C TRP A 187 4.53 -13.97 1.94
N CYS A 188 3.94 -14.65 0.94
CA CYS A 188 4.46 -15.94 0.49
C CYS A 188 5.40 -15.78 -0.69
N PRO A 189 6.71 -15.93 -0.53
CA PRO A 189 7.64 -15.71 -1.65
C PRO A 189 7.49 -16.75 -2.75
N ALA A 190 8.02 -16.43 -3.93
CA ALA A 190 8.01 -17.39 -5.01
C ALA A 190 9.03 -18.49 -4.72
N LEU A 191 8.78 -19.68 -5.27
CA LEU A 191 9.62 -20.82 -4.93
C LEU A 191 11.08 -20.54 -5.28
N ARG A 192 11.30 -19.88 -6.41
CA ARG A 192 12.67 -19.63 -6.83
C ARG A 192 13.40 -18.64 -5.93
N HIS A 193 12.67 -17.91 -5.09
CA HIS A 193 13.27 -16.91 -4.22
C HIS A 193 13.42 -17.37 -2.76
N LEU A 194 12.97 -18.58 -2.43
CA LEU A 194 13.13 -19.07 -1.06
C LEU A 194 14.60 -19.23 -0.72
N GLY A 195 15.03 -18.56 0.35
CA GLY A 195 16.41 -18.60 0.77
C GLY A 195 17.26 -17.44 0.27
N LYS A 196 16.78 -16.69 -0.72
CA LYS A 196 17.60 -15.63 -1.30
C LYS A 196 17.68 -14.38 -0.44
N VAL A 197 17.01 -14.35 0.72
CA VAL A 197 16.99 -13.16 1.57
C VAL A 197 17.60 -13.56 2.91
N ASP A 198 18.65 -12.85 3.32
CA ASP A 198 19.36 -13.14 4.57
C ASP A 198 19.22 -11.92 5.49
N THR A 199 18.37 -12.05 6.51
CA THR A 199 18.12 -10.95 7.43
C THR A 199 19.00 -10.99 8.66
N SER A 200 19.77 -12.07 8.84
CA SER A 200 20.55 -12.26 10.05
C SER A 200 21.58 -11.16 10.27
N SER A 201 21.71 -10.22 9.34
CA SER A 201 22.52 -9.04 9.58
C SER A 201 21.67 -7.79 9.80
N MET A 202 20.34 -7.93 9.85
CA MET A 202 19.44 -6.81 10.04
C MET A 202 19.04 -6.64 11.49
N THR A 203 18.76 -5.40 11.88
CA THR A 203 18.44 -5.01 13.24
C THR A 203 17.07 -4.33 13.29
N PRO A 204 16.13 -4.79 14.12
CA PRO A 204 14.79 -4.17 14.15
C PRO A 204 14.90 -2.67 14.35
N PRO A 205 13.88 -1.91 13.97
CA PRO A 205 13.92 -0.46 14.17
C PRO A 205 14.12 -0.09 15.62
N ALA A 206 14.55 1.16 15.83
CA ALA A 206 14.85 1.64 17.17
C ALA A 206 13.65 1.50 18.10
N ASN A 207 12.44 1.69 17.59
CA ASN A 207 11.25 1.56 18.44
C ASN A 207 10.54 0.25 18.20
N PHE A 208 11.25 -0.86 18.02
CA PHE A 208 10.54 -2.12 17.86
C PHE A 208 9.79 -2.49 19.13
N HIS A 209 10.43 -2.34 20.29
CA HIS A 209 9.82 -2.72 21.57
C HIS A 209 9.00 -1.63 22.17
N ASP A 210 8.27 -0.91 21.32
CA ASP A 210 7.61 0.31 21.75
C ASP A 210 6.59 -0.01 22.83
N ASP A 211 6.71 0.66 23.99
CA ASP A 211 5.76 0.47 25.12
C ASP A 211 4.55 1.39 24.96
N TYR A 212 4.57 2.30 23.97
CA TYR A 212 3.41 3.18 23.64
C TYR A 212 3.29 4.36 24.60
N ALA A 213 4.33 4.63 25.39
CA ALA A 213 4.33 5.76 26.33
C ALA A 213 4.32 7.09 25.59
N ASN A 214 3.68 8.10 26.18
CA ASN A 214 3.62 9.43 25.55
C ASN A 214 2.91 9.40 24.21
N ARG A 215 1.99 8.45 24.05
CA ARG A 215 1.12 8.36 22.89
C ARG A 215 -0.29 8.06 23.38
N PRO A 216 -1.32 8.49 22.62
CA PRO A 216 -2.71 8.28 23.05
C PRO A 216 -2.97 6.92 23.66
N GLU A 217 -3.88 6.88 24.64
CA GLU A 217 -4.17 5.62 25.30
C GLU A 217 -4.63 4.57 24.30
N PHE A 218 -5.27 4.98 23.19
CA PHE A 218 -5.88 3.96 22.35
C PHE A 218 -4.84 3.09 21.70
N LEU A 219 -3.63 3.63 21.47
CA LEU A 219 -2.60 2.89 20.75
C LEU A 219 -2.24 1.60 21.46
N LYS A 220 -2.38 1.55 22.78
CA LYS A 220 -2.12 0.29 23.48
C LYS A 220 -3.15 -0.77 23.14
N LYS A 221 -4.25 -0.43 22.47
CA LYS A 221 -5.25 -1.41 22.12
C LYS A 221 -5.09 -1.88 20.68
N ASN A 222 -4.02 -1.49 20.01
CA ASN A 222 -3.88 -1.85 18.61
C ASN A 222 -3.58 -3.34 18.51
N GLN A 223 -4.06 -3.94 17.42
CA GLN A 223 -3.83 -5.35 17.17
C GLN A 223 -3.07 -5.53 15.85
N GLN A 224 -1.94 -4.85 15.71
CA GLN A 224 -1.08 -5.05 14.55
C GLN A 224 0.37 -5.07 15.00
N THR A 225 0.63 -5.70 16.15
CA THR A 225 1.98 -5.83 16.67
C THR A 225 2.58 -7.13 16.17
N VAL A 226 3.84 -7.06 15.75
CA VAL A 226 4.56 -8.27 15.32
C VAL A 226 4.55 -9.29 16.44
N ALA A 227 4.68 -8.83 17.68
CA ALA A 227 4.83 -9.72 18.84
C ALA A 227 3.55 -10.45 19.26
N ASN A 228 2.38 -9.86 19.09
CA ASN A 228 1.14 -10.49 19.65
C ASN A 228 0.04 -10.73 18.61
N HIS A 229 0.23 -10.30 17.37
CA HIS A 229 -0.91 -10.40 16.41
C HIS A 229 -0.49 -11.02 15.07
N MET A 230 0.43 -11.99 15.09
CA MET A 230 0.85 -12.67 13.87
C MET A 230 0.49 -14.15 14.00
N ALA A 231 -0.09 -14.71 12.95
CA ALA A 231 -0.35 -16.15 12.96
C ALA A 231 0.99 -16.89 12.81
N ILE A 232 1.37 -17.66 13.83
CA ILE A 232 2.71 -18.25 13.84
C ILE A 232 2.90 -19.20 12.66
N TYR A 233 1.85 -19.94 12.29
CA TYR A 233 1.94 -20.87 11.17
C TYR A 233 1.56 -20.23 9.85
N SER A 234 0.61 -19.31 9.83
CA SER A 234 0.19 -18.71 8.56
C SER A 234 1.12 -17.56 8.17
N ASP A 235 1.21 -16.53 9.02
CA ASP A 235 2.09 -15.41 8.70
C ASP A 235 3.54 -15.84 8.66
N LEU A 236 4.02 -16.46 9.74
CA LEU A 236 5.43 -16.76 9.89
C LEU A 236 5.82 -18.14 9.36
N LYS A 237 4.87 -18.87 8.77
CA LYS A 237 5.11 -20.04 7.93
C LYS A 237 5.55 -21.28 8.70
N VAL A 238 5.54 -21.24 10.03
CA VAL A 238 5.99 -22.38 10.81
C VAL A 238 5.18 -23.62 10.46
N LEU A 239 5.81 -24.80 10.59
CA LEU A 239 5.13 -26.09 10.28
C LEU A 239 4.66 -26.76 11.58
N LYS A 240 3.34 -26.89 11.75
CA LYS A 240 2.75 -27.49 12.98
C LYS A 240 3.16 -28.97 13.11
N ASP A 241 3.18 -29.71 12.00
CA ASP A 241 3.49 -31.16 12.04
C ASP A 241 4.89 -31.40 12.62
N GLN A 242 5.83 -30.50 12.35
CA GLN A 242 7.23 -30.67 12.83
C GLN A 242 7.46 -29.94 14.16
N VAL A 243 6.41 -29.37 14.77
CA VAL A 243 6.60 -28.76 16.11
C VAL A 243 6.05 -29.69 17.22
N PRO A 244 6.82 -30.06 18.29
CA PRO A 244 6.27 -30.99 19.30
C PRO A 244 4.93 -30.50 19.82
N GLU A 245 3.95 -31.40 19.87
CA GLU A 245 2.64 -31.01 20.40
C GLU A 245 2.79 -30.26 21.71
N GLU A 246 3.77 -30.65 22.52
CA GLU A 246 3.97 -30.00 23.82
C GLU A 246 4.28 -28.52 23.69
N MET A 247 4.81 -28.10 22.53
CA MET A 247 5.28 -26.74 22.32
C MET A 247 4.27 -25.83 21.63
N ARG A 248 3.29 -26.38 20.92
CA ARG A 248 2.39 -25.55 20.13
C ARG A 248 1.72 -24.48 20.99
N LYS A 249 1.36 -24.82 22.23
CA LYS A 249 0.68 -23.87 23.09
C LYS A 249 1.55 -22.64 23.40
N SER A 250 2.88 -22.77 23.39
CA SER A 250 3.75 -21.67 23.78
C SER A 250 4.21 -20.81 22.61
N ILE A 251 3.87 -21.17 21.37
CA ILE A 251 4.32 -20.43 20.19
C ILE A 251 3.20 -19.66 19.52
N VAL A 252 1.93 -19.92 19.85
CA VAL A 252 0.77 -19.40 19.13
C VAL A 252 0.07 -18.38 20.00
N SER A 253 -0.05 -17.15 19.52
CA SER A 253 -0.85 -16.15 20.21
C SER A 253 -2.33 -16.55 20.15
N PRO A 254 -3.10 -16.27 21.21
CA PRO A 254 -4.46 -16.81 21.33
C PRO A 254 -5.35 -16.36 20.19
N GLY A 255 -5.97 -17.34 19.54
CA GLY A 255 -6.77 -17.12 18.37
C GLY A 255 -6.00 -16.99 17.06
N TYR A 256 -4.66 -17.01 17.11
CA TYR A 256 -3.84 -16.75 15.94
C TYR A 256 -3.16 -18.01 15.38
N GLY A 257 -3.79 -19.16 15.55
CA GLY A 257 -3.13 -20.40 15.18
C GLY A 257 -3.61 -20.98 13.87
N TRP A 258 -4.28 -20.19 13.02
CA TRP A 258 -4.85 -20.73 11.80
C TRP A 258 -3.76 -21.18 10.81
N ASP A 259 -4.16 -22.05 9.89
CA ASP A 259 -3.19 -22.62 8.92
C ASP A 259 -2.90 -21.65 7.79
N LEU A 260 -1.88 -21.96 6.97
CA LEU A 260 -1.57 -21.12 5.78
C LEU A 260 -2.43 -21.62 4.63
N GLY A 261 -3.38 -20.79 4.17
CA GLY A 261 -4.32 -21.20 3.11
C GLY A 261 -3.64 -21.51 1.80
N GLU A 262 -2.55 -20.83 1.48
CA GLU A 262 -1.88 -21.00 0.16
C GLU A 262 -1.45 -22.46 -0.02
N LEU A 263 -1.02 -23.13 1.05
CA LEU A 263 -0.64 -24.57 0.96
C LEU A 263 -1.75 -25.38 0.28
N ASN A 264 -3.02 -25.13 0.58
CA ASN A 264 -4.11 -25.86 -0.07
C ASN A 264 -4.17 -25.59 -1.56
N ARG A 265 -3.57 -24.50 -2.04
CA ARG A 265 -3.57 -24.16 -3.45
C ARG A 265 -2.34 -24.71 -4.19
N MET A 266 -1.33 -25.16 -3.47
CA MET A 266 -0.14 -25.64 -4.14
C MET A 266 -0.34 -27.06 -4.62
N THR A 267 0.35 -27.40 -5.69
CA THR A 267 0.42 -28.78 -6.11
C THR A 267 1.40 -29.51 -5.20
N PRO A 268 1.33 -30.83 -5.18
CA PRO A 268 2.29 -31.58 -4.35
C PRO A 268 3.72 -31.17 -4.64
N GLU A 269 4.10 -31.10 -5.91
CA GLU A 269 5.43 -30.64 -6.27
C GLU A 269 5.72 -29.31 -5.61
N GLU A 270 4.84 -28.35 -5.82
CA GLU A 270 5.00 -27.04 -5.20
C GLU A 270 5.00 -27.13 -3.68
N LYS A 271 3.97 -27.76 -3.11
CA LYS A 271 3.84 -27.83 -1.66
C LYS A 271 5.13 -28.32 -0.99
N LYS A 272 5.80 -29.31 -1.59
CA LYS A 272 7.01 -29.91 -0.96
C LYS A 272 8.18 -28.92 -0.97
N THR A 273 8.50 -28.35 -2.13
CA THR A 273 9.57 -27.33 -2.22
C THR A 273 9.37 -26.32 -1.09
N TRP A 274 8.13 -25.93 -0.81
CA TRP A 274 7.86 -24.93 0.22
C TRP A 274 8.18 -25.47 1.61
N THR A 275 7.61 -26.63 1.97
CA THR A 275 7.86 -27.18 3.30
C THR A 275 9.32 -27.60 3.45
N ASP A 276 9.92 -28.10 2.36
CA ASP A 276 11.34 -28.44 2.36
C ASP A 276 12.18 -27.29 2.89
N TYR A 277 11.93 -26.07 2.38
CA TYR A 277 12.65 -24.90 2.85
C TYR A 277 12.23 -24.50 4.27
N TYR A 278 10.92 -24.42 4.53
CA TYR A 278 10.50 -23.80 5.78
C TYR A 278 10.65 -24.72 6.97
N ALA A 279 11.08 -25.97 6.77
CA ALA A 279 11.47 -26.81 7.90
C ALA A 279 12.65 -26.21 8.63
N LYS A 280 13.47 -25.41 7.95
CA LYS A 280 14.58 -24.73 8.63
C LYS A 280 14.05 -23.80 9.72
N ARG A 281 13.21 -22.83 9.33
CA ARG A 281 12.64 -21.92 10.31
C ARG A 281 11.90 -22.69 11.42
N THR A 282 11.06 -23.66 11.04
CA THR A 282 10.35 -24.42 12.06
C THR A 282 11.34 -25.02 13.06
N LYS A 283 12.41 -25.65 12.55
CA LYS A 283 13.47 -26.10 13.44
C LYS A 283 14.08 -24.94 14.23
N SER A 284 14.34 -23.81 13.59
CA SER A 284 14.96 -22.70 14.30
C SER A 284 14.10 -22.26 15.48
N LEU A 285 12.77 -22.24 15.29
CA LEU A 285 11.87 -21.93 16.40
C LEU A 285 12.02 -22.95 17.52
N VAL A 286 11.89 -24.24 17.17
CA VAL A 286 11.94 -25.28 18.19
C VAL A 286 13.26 -25.22 18.96
N ASP A 287 14.35 -24.84 18.28
CA ASP A 287 15.64 -24.72 18.95
C ASP A 287 15.62 -23.60 19.97
N GLY A 288 15.10 -22.44 19.58
CA GLY A 288 15.06 -21.30 20.49
C GLY A 288 14.09 -21.47 21.64
N MET A 289 13.12 -22.38 21.49
CA MET A 289 12.18 -22.65 22.57
C MET A 289 12.79 -23.61 23.60
N LYS A 290 13.24 -24.79 23.16
CA LYS A 290 13.80 -25.76 24.11
C LYS A 290 15.07 -25.25 24.77
N SER A 291 15.83 -24.40 24.06
CA SER A 291 16.99 -23.74 24.67
C SER A 291 16.60 -22.61 25.61
N GLY A 292 15.32 -22.22 25.64
CA GLY A 292 14.83 -21.16 26.50
C GLY A 292 14.99 -19.75 25.96
N LYS A 293 15.86 -19.53 24.98
CA LYS A 293 16.14 -18.16 24.53
C LYS A 293 14.89 -17.52 23.92
N LEU A 294 14.18 -18.25 23.08
CA LEU A 294 12.95 -17.72 22.50
C LEU A 294 11.82 -17.60 23.50
N LYS A 295 12.01 -18.06 24.73
CA LYS A 295 10.94 -17.95 25.70
C LYS A 295 10.89 -16.56 26.33
N ASP A 296 11.99 -15.82 26.31
CA ASP A 296 11.90 -14.39 26.60
C ASP A 296 11.06 -13.73 25.51
N PRO A 297 9.92 -13.12 25.84
CA PRO A 297 9.03 -12.62 24.78
C PRO A 297 9.68 -11.59 23.88
N LYS A 298 10.64 -10.82 24.38
CA LYS A 298 11.28 -9.81 23.54
C LYS A 298 12.14 -10.46 22.47
N ALA A 299 12.84 -11.54 22.84
CA ALA A 299 13.59 -12.34 21.87
C ALA A 299 12.67 -13.01 20.87
N PHE A 300 11.61 -13.66 21.34
CA PHE A 300 10.64 -14.26 20.43
C PHE A 300 10.12 -13.23 19.43
N ALA A 301 9.89 -11.99 19.89
CA ALA A 301 9.34 -10.95 19.03
C ALA A 301 10.34 -10.52 17.97
N GLU A 302 11.63 -10.50 18.31
CA GLU A 302 12.66 -10.21 17.31
C GLU A 302 12.81 -11.35 16.31
N TRP A 303 12.72 -12.59 16.80
CA TRP A 303 12.72 -13.73 15.89
C TRP A 303 11.54 -13.67 14.94
N LYS A 304 10.34 -13.41 15.47
CA LYS A 304 9.19 -13.09 14.62
C LYS A 304 9.55 -12.04 13.59
N TRP A 305 10.20 -10.97 14.04
CA TRP A 305 10.48 -9.88 13.10
C TRP A 305 11.32 -10.38 11.93
N HIS A 306 12.37 -11.17 12.22
CA HIS A 306 13.29 -11.59 11.17
C HIS A 306 12.61 -12.46 10.13
N ALA A 307 11.72 -13.36 10.56
CA ALA A 307 11.01 -14.19 9.59
C ALA A 307 10.10 -13.32 8.74
N TYR A 308 9.43 -12.36 9.38
CA TYR A 308 8.54 -11.44 8.70
C TYR A 308 9.29 -10.64 7.65
N MET A 309 10.46 -10.11 8.03
CA MET A 309 11.32 -9.44 7.06
C MET A 309 11.75 -10.36 5.94
N GLU A 310 12.13 -11.60 6.26
CA GLU A 310 12.59 -12.47 5.18
C GLU A 310 11.50 -12.63 4.14
N ASP A 311 10.29 -12.98 4.56
CA ASP A 311 9.24 -13.32 3.59
C ASP A 311 8.72 -12.07 2.88
N TYR A 312 8.58 -10.95 3.60
CA TYR A 312 8.14 -9.73 2.95
C TYR A 312 9.11 -9.33 1.85
N LEU A 313 10.39 -9.17 2.21
CA LEU A 313 11.40 -8.84 1.22
C LEU A 313 11.46 -9.90 0.11
N GLY A 314 11.36 -11.18 0.50
CA GLY A 314 11.32 -12.24 -0.51
C GLY A 314 10.27 -12.00 -1.57
N CYS A 315 9.08 -11.54 -1.15
CA CYS A 315 8.01 -11.20 -2.10
C CYS A 315 8.43 -10.10 -3.06
N LEU A 316 9.21 -9.13 -2.59
CA LEU A 316 9.60 -8.02 -3.45
C LEU A 316 10.53 -8.47 -4.56
N LEU A 317 11.24 -9.60 -4.38
CA LEU A 317 12.11 -10.09 -5.44
C LEU A 317 11.34 -10.38 -6.71
N SER A 318 10.14 -10.97 -6.61
CA SER A 318 9.37 -11.20 -7.82
C SER A 318 8.62 -9.95 -8.27
N VAL A 319 8.37 -9.01 -7.36
CA VAL A 319 7.88 -7.72 -7.82
C VAL A 319 8.95 -7.06 -8.67
N ASP A 320 10.17 -7.00 -8.14
CA ASP A 320 11.33 -6.47 -8.88
C ASP A 320 11.43 -7.10 -10.27
N ASP A 321 11.38 -8.43 -10.33
CA ASP A 321 11.30 -9.13 -11.61
C ASP A 321 10.17 -8.59 -12.48
N SER A 322 8.96 -8.46 -11.90
CA SER A 322 7.83 -7.93 -12.64
C SER A 322 8.19 -6.57 -13.24
N ILE A 323 8.75 -5.68 -12.43
CA ILE A 323 9.16 -4.35 -12.90
C ILE A 323 10.13 -4.46 -14.07
N GLY A 324 11.00 -5.48 -14.05
CA GLY A 324 11.96 -5.69 -15.12
C GLY A 324 11.33 -6.18 -16.41
N ARG A 325 10.39 -7.10 -16.31
CA ARG A 325 9.74 -7.64 -17.52
C ARG A 325 8.91 -6.52 -18.17
N LEU A 326 8.25 -5.68 -17.37
CA LEU A 326 7.44 -4.60 -17.93
C LEU A 326 8.32 -3.50 -18.51
N MET A 327 9.43 -3.18 -17.86
CA MET A 327 10.30 -2.13 -18.42
C MET A 327 11.04 -2.61 -19.67
N GLU A 328 11.31 -3.91 -19.78
CA GLU A 328 11.99 -4.43 -20.95
C GLU A 328 11.12 -4.32 -22.19
N TYR A 329 9.85 -4.71 -22.07
CA TYR A 329 8.90 -4.61 -23.18
C TYR A 329 8.81 -3.17 -23.67
N LEU A 330 8.63 -2.23 -22.75
CA LEU A 330 8.56 -0.84 -23.16
C LEU A 330 9.75 -0.47 -24.03
N ASP A 331 10.96 -0.86 -23.62
CA ASP A 331 12.15 -0.48 -24.37
C ASP A 331 12.24 -1.21 -25.70
N LYS A 332 12.04 -2.52 -25.70
CA LYS A 332 12.14 -3.23 -26.98
C LYS A 332 11.07 -2.78 -27.96
N GLU A 333 9.92 -2.31 -27.48
CA GLU A 333 8.91 -1.74 -28.36
C GLU A 333 9.21 -0.30 -28.73
N GLY A 334 10.24 0.29 -28.14
CA GLY A 334 10.67 1.65 -28.44
C GLY A 334 9.62 2.70 -28.14
N ILE A 335 8.97 2.62 -26.97
CA ILE A 335 7.92 3.56 -26.62
C ILE A 335 8.14 4.21 -25.26
N ALA A 336 9.28 3.93 -24.61
CA ALA A 336 9.56 4.47 -23.27
C ALA A 336 9.50 5.98 -23.25
N LYS A 337 9.89 6.63 -24.34
CA LYS A 337 9.83 8.09 -24.39
C LYS A 337 8.40 8.58 -24.52
N ASP A 338 7.49 7.71 -24.93
CA ASP A 338 6.08 8.08 -25.07
C ASP A 338 5.23 7.25 -24.13
N THR A 339 5.70 7.05 -22.90
CA THR A 339 4.95 6.28 -21.91
C THR A 339 5.24 6.88 -20.55
N LEU A 340 4.17 7.28 -19.85
CA LEU A 340 4.24 7.68 -18.45
C LEU A 340 4.14 6.43 -17.57
N VAL A 341 5.16 6.23 -16.75
CA VAL A 341 5.25 5.07 -15.86
C VAL A 341 5.11 5.57 -14.44
N ILE A 342 4.02 5.19 -13.81
CA ILE A 342 3.77 5.49 -12.40
C ILE A 342 3.85 4.17 -11.67
N TYR A 343 4.71 4.09 -10.67
CA TYR A 343 4.70 3.00 -9.71
C TYR A 343 4.28 3.53 -8.35
N CYS A 344 3.46 2.76 -7.66
CA CYS A 344 3.12 3.11 -6.29
C CYS A 344 2.65 1.86 -5.59
N GLY A 345 2.80 1.88 -4.27
CA GLY A 345 2.04 0.99 -3.40
C GLY A 345 0.79 1.70 -2.89
N ASP A 346 -0.34 0.99 -2.89
CA ASP A 346 -1.60 1.63 -2.52
C ASP A 346 -1.50 2.37 -1.18
N GLN A 347 -0.78 1.82 -0.21
CA GLN A 347 -0.27 2.66 0.87
C GLN A 347 0.95 1.97 1.46
N GLY A 348 1.53 2.60 2.48
CA GLY A 348 2.73 2.10 3.11
C GLY A 348 2.44 1.04 4.15
N PHE A 349 3.49 0.73 4.92
CA PHE A 349 3.47 -0.41 5.81
C PHE A 349 4.44 -0.17 6.94
N TYR A 350 4.14 -0.82 8.05
CA TYR A 350 5.08 -0.81 9.18
C TYR A 350 6.00 -2.00 9.01
N MET A 351 7.31 -1.74 8.88
CA MET A 351 8.32 -2.79 8.83
C MET A 351 8.88 -3.04 10.21
N GLY A 352 8.02 -3.04 11.23
CA GLY A 352 8.43 -3.25 12.60
C GLY A 352 8.51 -1.99 13.43
N GLU A 353 8.45 -0.81 12.81
CA GLU A 353 8.38 0.43 13.57
C GLU A 353 7.22 0.40 14.56
N HIS A 354 7.45 0.90 15.77
CA HIS A 354 6.47 0.84 16.85
C HIS A 354 6.00 -0.60 17.08
N GLY A 355 6.87 -1.57 16.81
CA GLY A 355 6.50 -2.99 16.94
C GLY A 355 5.25 -3.29 16.15
N MET A 356 5.13 -2.74 14.94
CA MET A 356 3.85 -2.89 14.22
C MET A 356 4.03 -3.38 12.79
N TYR A 357 2.94 -3.89 12.21
CA TYR A 357 2.93 -4.29 10.78
C TYR A 357 1.61 -3.73 10.26
N ASP A 358 1.37 -3.80 8.95
CA ASP A 358 0.08 -3.35 8.36
C ASP A 358 0.12 -1.83 8.15
N LYS A 359 -1.02 -1.15 8.31
CA LYS A 359 -1.11 0.31 8.06
C LYS A 359 -2.26 0.89 8.88
N ARG A 360 -3.09 1.74 8.28
CA ARG A 360 -4.33 2.25 8.91
C ARG A 360 -4.10 3.46 9.83
N TRP A 361 -2.87 3.81 10.12
CA TRP A 361 -2.61 4.88 11.11
C TRP A 361 -2.12 6.15 10.42
N ILE A 362 -2.26 7.28 11.09
CA ILE A 362 -1.77 8.56 10.51
C ILE A 362 -0.24 8.61 10.71
N PHE A 363 0.32 7.67 11.47
CA PHE A 363 1.78 7.68 11.65
C PHE A 363 2.50 7.59 10.31
N GLU A 364 3.72 8.15 10.27
CA GLU A 364 4.38 8.46 9.00
C GLU A 364 4.51 7.23 8.11
N GLU A 365 4.88 6.08 8.68
CA GLU A 365 5.13 4.89 7.84
C GLU A 365 3.92 4.52 6.97
N SER A 366 2.70 4.55 7.55
CA SER A 366 1.53 4.19 6.79
C SER A 366 0.80 5.40 6.22
N LEU A 367 1.20 6.61 6.61
CA LEU A 367 0.61 7.73 5.88
C LEU A 367 1.30 7.93 4.53
N ARG A 368 2.61 7.68 4.47
CA ARG A 368 3.36 7.65 3.22
C ARG A 368 2.92 6.47 2.36
N MET A 369 3.10 6.63 1.05
CA MET A 369 3.05 5.55 0.09
C MET A 369 4.17 5.82 -0.92
N PRO A 370 4.81 4.77 -1.41
CA PRO A 370 5.97 4.98 -2.28
C PRO A 370 5.50 5.40 -3.66
N LEU A 371 6.13 6.43 -4.21
CA LEU A 371 5.75 6.95 -5.52
C LEU A 371 6.99 7.09 -6.39
N ILE A 372 6.90 6.61 -7.62
CA ILE A 372 7.97 6.72 -8.60
C ILE A 372 7.36 6.99 -9.95
N MET A 373 7.95 7.93 -10.67
CA MET A 373 7.53 8.27 -12.02
C MET A 373 8.71 8.28 -12.97
N ARG A 374 8.46 7.81 -14.20
CA ARG A 374 9.45 7.83 -15.28
C ARG A 374 8.79 8.31 -16.55
N TRP A 375 9.20 9.46 -17.06
CA TRP A 375 8.73 9.96 -18.34
C TRP A 375 9.91 10.56 -19.09
N PRO A 376 10.66 9.75 -19.82
CA PRO A 376 11.92 10.23 -20.41
C PRO A 376 11.69 11.45 -21.29
N GLY A 377 12.51 12.47 -21.08
CA GLY A 377 12.38 13.73 -21.78
C GLY A 377 11.60 14.75 -21.00
N LYS A 378 10.59 14.28 -20.27
CA LYS A 378 9.72 15.17 -19.50
C LYS A 378 10.07 15.24 -18.03
N ILE A 379 10.41 14.13 -17.41
CA ILE A 379 10.65 14.04 -15.97
C ILE A 379 12.15 13.92 -15.75
N PRO A 380 12.79 14.89 -15.09
CA PRO A 380 14.24 14.80 -14.83
C PRO A 380 14.66 13.47 -14.27
N ALA A 381 15.56 12.74 -14.94
CA ALA A 381 15.94 11.41 -14.45
C ALA A 381 16.93 11.52 -13.29
N GLY A 382 16.68 10.75 -12.25
CA GLY A 382 17.60 10.65 -11.13
C GLY A 382 17.31 11.61 -9.99
N ILE A 383 16.15 12.25 -9.98
CA ILE A 383 15.79 13.21 -8.95
C ILE A 383 14.91 12.57 -7.87
N ARG A 384 15.22 12.91 -6.62
CA ARG A 384 14.35 12.63 -5.49
C ARG A 384 13.59 13.90 -5.16
N ASN A 385 12.28 13.82 -5.20
CA ASN A 385 11.42 15.00 -5.09
C ASN A 385 10.84 15.10 -3.68
N ASN A 386 10.98 16.27 -3.06
CA ASN A 386 10.51 16.46 -1.66
C ASN A 386 9.20 17.25 -1.62
N THR A 387 8.54 17.40 -2.77
CA THR A 387 7.22 18.09 -2.80
C THR A 387 6.19 17.20 -2.10
N MET A 388 5.29 17.81 -1.32
CA MET A 388 4.26 17.03 -0.58
C MET A 388 3.15 16.66 -1.55
N VAL A 389 3.06 15.38 -1.91
CA VAL A 389 2.07 14.94 -2.91
C VAL A 389 1.17 13.88 -2.26
N GLN A 390 -0.05 13.74 -2.77
CA GLN A 390 -1.00 12.78 -2.17
C GLN A 390 -1.62 11.92 -3.27
N ASN A 391 -2.18 10.77 -2.89
CA ASN A 391 -2.81 9.87 -3.84
C ASN A 391 -4.06 10.46 -4.47
N ILE A 392 -4.60 11.57 -3.94
CA ILE A 392 -5.71 12.25 -4.61
C ILE A 392 -5.23 13.14 -5.75
N ASP A 393 -3.92 13.24 -5.96
CA ASP A 393 -3.33 14.02 -7.05
C ASP A 393 -3.14 13.19 -8.30
N TYR A 394 -3.09 11.86 -8.20
CA TYR A 394 -2.73 11.04 -9.35
C TYR A 394 -3.70 11.26 -10.50
N ALA A 395 -5.00 11.11 -10.23
CA ALA A 395 -6.00 11.28 -11.29
C ALA A 395 -5.87 12.59 -12.05
N PRO A 396 -5.78 13.76 -11.41
CA PRO A 396 -5.51 14.98 -12.19
C PRO A 396 -4.19 14.94 -12.93
N THR A 397 -3.19 14.19 -12.43
CA THR A 397 -1.95 14.11 -13.18
C THR A 397 -2.09 13.22 -14.41
N ILE A 398 -2.67 12.03 -14.27
CA ILE A 398 -2.89 11.18 -15.43
C ILE A 398 -3.72 11.91 -16.49
N VAL A 399 -4.74 12.65 -16.07
CA VAL A 399 -5.62 13.30 -17.03
C VAL A 399 -4.90 14.43 -17.75
N SER A 400 -4.14 15.24 -17.02
CA SER A 400 -3.35 16.29 -17.64
C SER A 400 -2.41 15.70 -18.69
N ALA A 401 -1.52 14.80 -18.26
CA ALA A 401 -0.62 14.12 -19.17
C ALA A 401 -1.35 13.49 -20.36
N ALA A 402 -2.65 13.25 -20.25
CA ALA A 402 -3.42 12.65 -21.34
C ALA A 402 -4.16 13.69 -22.17
N GLY A 403 -4.01 14.98 -21.87
CA GLY A 403 -4.75 15.99 -22.59
C GLY A 403 -6.25 15.87 -22.48
N ALA A 404 -6.75 15.20 -21.44
CA ALA A 404 -8.18 15.08 -21.19
C ALA A 404 -8.63 15.96 -20.03
N ASP A 405 -7.78 16.90 -19.61
CA ASP A 405 -8.09 17.81 -18.50
C ASP A 405 -8.97 18.97 -18.93
N THR A 406 -10.13 18.65 -19.52
CA THR A 406 -11.15 19.66 -19.73
C THR A 406 -11.53 20.30 -18.39
N PRO A 407 -12.17 21.45 -18.41
CA PRO A 407 -12.71 22.00 -17.15
C PRO A 407 -13.70 21.06 -16.49
N GLU A 408 -14.45 20.29 -17.28
CA GLU A 408 -15.43 19.32 -16.73
C GLU A 408 -14.69 18.31 -15.85
N ASN A 409 -13.82 17.50 -16.45
CA ASN A 409 -13.08 16.48 -15.71
C ASN A 409 -12.34 17.09 -14.52
N MET A 410 -11.52 18.12 -14.78
CA MET A 410 -10.70 18.68 -13.71
C MET A 410 -11.53 19.13 -12.51
N ASN A 411 -12.78 19.54 -12.73
CA ASN A 411 -13.55 20.07 -11.61
C ASN A 411 -13.92 18.98 -10.63
N THR A 412 -14.12 17.75 -11.11
CA THR A 412 -14.47 16.65 -10.24
C THR A 412 -13.36 16.28 -9.23
N PHE A 413 -12.16 16.86 -9.29
CA PHE A 413 -11.02 16.42 -8.51
C PHE A 413 -10.76 17.36 -7.34
N GLN A 414 -10.30 16.80 -6.22
CA GLN A 414 -9.79 17.62 -5.13
C GLN A 414 -8.27 17.60 -5.07
N GLY A 415 -7.65 16.69 -5.79
CA GLY A 415 -6.22 16.66 -5.88
C GLY A 415 -5.72 17.61 -6.94
N VAL A 416 -4.42 17.85 -6.89
CA VAL A 416 -3.74 18.83 -7.74
C VAL A 416 -2.81 18.09 -8.69
N SER A 417 -2.81 18.50 -9.96
CA SER A 417 -1.90 17.87 -10.91
C SER A 417 -0.46 18.01 -10.44
N LEU A 418 0.33 16.97 -10.68
CA LEU A 418 1.70 16.91 -10.22
C LEU A 418 2.73 17.15 -11.34
N LEU A 419 2.28 17.32 -12.58
CA LEU A 419 3.20 17.52 -13.69
C LEU A 419 4.14 18.69 -13.46
N PRO A 420 3.67 19.89 -13.09
CA PRO A 420 4.61 20.98 -12.78
C PRO A 420 5.80 20.52 -11.95
N THR A 421 5.55 19.87 -10.80
CA THR A 421 6.64 19.44 -9.94
C THR A 421 7.36 18.21 -10.48
N ALA A 422 6.62 17.30 -11.12
CA ALA A 422 7.25 16.17 -11.79
C ALA A 422 8.22 16.63 -12.87
N PHE A 423 7.94 17.77 -13.51
CA PHE A 423 8.75 18.26 -14.60
C PHE A 423 9.99 19.00 -14.13
N THR A 424 9.98 19.52 -12.91
CA THR A 424 11.09 20.30 -12.38
C THR A 424 11.83 19.63 -11.24
N GLY A 425 11.23 18.66 -10.54
CA GLY A 425 11.81 18.09 -9.35
C GLY A 425 11.84 19.00 -8.13
N LYS A 426 11.16 20.14 -8.17
CA LYS A 426 11.13 21.07 -7.03
C LYS A 426 9.70 21.43 -6.67
N THR A 427 9.54 22.08 -5.52
CA THR A 427 8.22 22.48 -5.04
C THR A 427 7.82 23.80 -5.69
N PRO A 428 6.73 23.84 -6.47
CA PRO A 428 6.28 25.12 -7.05
C PRO A 428 5.99 26.13 -5.95
N ASP A 429 5.81 27.37 -6.39
CA ASP A 429 5.67 28.46 -5.43
C ASP A 429 4.37 28.34 -4.63
N ASN A 430 3.29 27.90 -5.28
CA ASN A 430 1.95 27.95 -4.67
C ASN A 430 1.51 26.63 -4.08
N TRP A 431 2.43 25.83 -3.54
CA TRP A 431 2.08 24.45 -3.23
C TRP A 431 1.30 24.35 -1.91
N ARG A 432 0.40 23.38 -1.85
CA ARG A 432 -0.37 23.12 -0.64
C ARG A 432 0.55 23.02 0.57
N ASP A 433 0.15 23.62 1.69
CA ASP A 433 0.94 23.54 2.91
C ASP A 433 0.54 22.36 3.80
N ALA A 434 -0.42 21.55 3.37
CA ALA A 434 -0.91 20.48 4.24
C ALA A 434 -1.88 19.60 3.47
N ILE A 435 -1.85 18.32 3.80
CA ILE A 435 -2.83 17.36 3.27
C ILE A 435 -3.74 16.93 4.41
N TYR A 436 -4.87 16.32 4.05
CA TYR A 436 -5.87 15.86 5.00
C TYR A 436 -6.03 14.34 4.90
N TYR A 437 -6.12 13.69 6.06
CA TYR A 437 -6.23 12.24 6.16
C TYR A 437 -7.39 11.85 7.07
N CYS A 438 -7.94 10.64 6.85
CA CYS A 438 -9.10 10.18 7.61
C CYS A 438 -9.25 8.67 7.42
N PHE A 439 -9.30 7.95 8.54
CA PHE A 439 -9.50 6.47 8.52
C PHE A 439 -10.84 6.15 9.20
N TYR A 440 -11.63 5.26 8.61
CA TYR A 440 -12.99 4.98 9.14
C TYR A 440 -13.18 3.53 9.62
N GLU A 441 -12.16 2.67 9.52
CA GLU A 441 -12.40 1.23 9.83
C GLU A 441 -12.31 0.89 11.32
N ASN A 442 -13.30 1.33 12.10
CA ASN A 442 -13.40 0.97 13.54
C ASN A 442 -14.91 0.91 13.84
N PRO A 443 -15.55 -0.20 14.31
CA PRO A 443 -14.88 -1.48 14.53
C PRO A 443 -14.34 -2.09 13.22
N GLY A 444 -13.18 -2.75 13.30
CA GLY A 444 -12.58 -3.36 12.11
C GLY A 444 -11.36 -4.20 12.43
N GLU A 445 -10.98 -5.12 11.54
CA GLU A 445 -9.76 -5.89 11.73
C GLU A 445 -8.60 -4.96 12.07
N HIS A 446 -7.75 -5.41 12.98
CA HIS A 446 -6.54 -4.73 13.46
C HIS A 446 -6.87 -3.57 14.40
N ASN A 447 -8.14 -3.31 14.70
CA ASN A 447 -8.58 -2.36 15.74
C ASN A 447 -7.85 -1.02 15.65
N ALA A 448 -7.76 -0.48 14.46
CA ALA A 448 -7.31 0.90 14.36
C ALA A 448 -8.45 1.85 14.69
N PRO A 449 -8.20 2.96 15.36
CA PRO A 449 -9.29 3.88 15.68
C PRO A 449 -9.72 4.67 14.46
N ARG A 450 -11.00 5.07 14.43
CA ARG A 450 -11.40 6.13 13.53
C ARG A 450 -10.70 7.42 13.96
N HIS A 451 -10.02 8.07 13.03
CA HIS A 451 -9.26 9.27 13.37
C HIS A 451 -8.95 10.02 12.08
N ASP A 452 -8.68 11.31 12.24
CA ASP A 452 -8.27 12.09 11.08
C ASP A 452 -7.27 13.15 11.52
N GLY A 453 -6.88 14.01 10.59
CA GLY A 453 -5.88 15.02 10.87
C GLY A 453 -5.35 15.64 9.59
N ILE A 454 -4.33 16.48 9.78
CA ILE A 454 -3.60 17.10 8.68
C ILE A 454 -2.14 16.74 8.86
N ARG A 455 -1.42 16.75 7.72
CA ARG A 455 0.03 16.61 7.67
C ARG A 455 0.57 17.88 7.05
N THR A 456 1.33 18.64 7.82
CA THR A 456 1.98 19.83 7.29
C THR A 456 3.40 19.48 6.92
N ASP A 457 4.19 20.48 6.49
CA ASP A 457 5.60 20.20 6.25
C ASP A 457 6.25 19.68 7.51
N ARG A 458 6.03 20.36 8.63
CA ARG A 458 6.74 20.05 9.87
C ARG A 458 5.97 19.16 10.85
N TYR A 459 4.64 19.17 10.84
CA TYR A 459 3.88 18.58 11.96
C TYR A 459 2.91 17.50 11.49
N THR A 460 2.49 16.68 12.45
CA THR A 460 1.32 15.81 12.29
C THR A 460 0.36 16.07 13.45
N LEU A 461 -0.84 16.56 13.14
CA LEU A 461 -1.91 16.76 14.10
C LEU A 461 -3.02 15.78 13.79
N SER A 462 -3.37 14.92 14.74
CA SER A 462 -4.49 14.02 14.55
C SER A 462 -5.42 14.07 15.76
N TYR A 463 -6.72 14.03 15.49
CA TYR A 463 -7.73 13.77 16.52
C TYR A 463 -8.21 12.33 16.38
N ILE A 464 -8.11 11.55 17.45
CA ILE A 464 -8.61 10.18 17.47
C ILE A 464 -10.07 10.21 17.90
N TRP A 465 -10.98 9.93 16.97
CA TRP A 465 -12.42 9.99 17.29
C TRP A 465 -12.84 8.86 18.20
N THR A 466 -12.35 7.65 17.97
CA THR A 466 -12.85 6.53 18.75
C THR A 466 -12.57 6.70 20.24
N SER A 467 -11.41 7.22 20.62
CA SER A 467 -11.07 7.32 22.02
C SER A 467 -11.08 8.75 22.54
N ASP A 468 -11.49 9.71 21.71
CA ASP A 468 -11.56 11.13 22.07
C ASP A 468 -10.22 11.66 22.60
N GLU A 469 -9.17 11.55 21.77
CA GLU A 469 -7.79 11.91 22.11
C GLU A 469 -7.14 12.69 20.96
N TRP A 470 -6.48 13.80 21.29
CA TRP A 470 -5.68 14.55 20.33
C TRP A 470 -4.24 14.13 20.43
N MET A 471 -3.49 14.36 19.34
CA MET A 471 -2.06 14.05 19.34
C MET A 471 -1.34 14.91 18.31
N LEU A 472 -0.17 15.42 18.73
CA LEU A 472 0.72 16.20 17.90
C LEU A 472 2.10 15.59 17.96
N PHE A 473 2.71 15.37 16.79
CA PHE A 473 4.12 15.00 16.69
C PHE A 473 4.86 16.08 15.92
N ASP A 474 6.00 16.51 16.47
CA ASP A 474 6.94 17.43 15.83
C ASP A 474 7.93 16.57 15.03
N MET A 475 7.84 16.65 13.70
CA MET A 475 8.69 15.80 12.86
C MET A 475 10.14 16.28 12.88
N LYS A 476 10.37 17.60 12.91
CA LYS A 476 11.75 18.08 12.90
C LYS A 476 12.51 17.63 14.14
N LYS A 477 11.83 17.47 15.26
CA LYS A 477 12.49 17.08 16.50
C LYS A 477 12.19 15.65 16.93
N ASP A 478 11.33 14.93 16.19
CA ASP A 478 10.85 13.60 16.60
C ASP A 478 10.28 12.87 15.39
N PRO A 479 11.11 12.44 14.45
CA PRO A 479 10.56 11.82 13.24
C PRO A 479 10.02 10.42 13.48
N MET A 480 10.39 9.77 14.57
CA MET A 480 9.84 8.47 14.95
C MET A 480 8.53 8.59 15.72
N GLN A 481 8.02 9.81 15.91
CA GLN A 481 6.72 10.07 16.52
C GLN A 481 6.53 9.25 17.81
N MET A 482 7.44 9.50 18.77
CA MET A 482 7.40 8.82 20.05
C MET A 482 6.91 9.70 21.21
N LYS A 483 6.81 11.01 21.02
CA LYS A 483 6.37 11.91 22.09
C LYS A 483 5.26 12.82 21.57
N ASN A 484 4.04 12.58 22.04
CA ASN A 484 2.91 13.45 21.73
C ASN A 484 3.11 14.81 22.41
N VAL A 485 3.28 15.86 21.60
CA VAL A 485 3.61 17.16 22.19
C VAL A 485 2.41 18.06 22.33
N ILE A 486 1.24 17.64 21.85
CA ILE A 486 0.01 18.30 22.27
C ILE A 486 0.03 18.39 23.79
N ASP A 487 -0.43 19.50 24.34
CA ASP A 487 -0.37 19.74 25.78
C ASP A 487 1.05 20.04 26.29
N ASP A 488 2.06 20.08 25.44
CA ASP A 488 3.30 20.77 25.81
C ASP A 488 3.08 22.26 25.61
N PRO A 489 3.41 23.10 26.60
CA PRO A 489 3.20 24.56 26.41
C PRO A 489 4.00 25.15 25.27
N ALA A 490 5.16 24.56 24.92
CA ALA A 490 5.95 25.12 23.84
C ALA A 490 5.17 25.13 22.52
N TYR A 491 4.26 24.18 22.36
CA TYR A 491 3.51 24.06 21.12
C TYR A 491 2.08 24.58 21.25
N LYS A 492 1.75 25.21 22.38
CA LYS A 492 0.40 25.73 22.55
C LYS A 492 -0.07 26.49 21.32
N THR A 493 0.66 27.54 20.94
CA THR A 493 0.22 28.32 19.79
C THR A 493 0.25 27.48 18.52
N THR A 494 1.15 26.50 18.45
CA THR A 494 1.21 25.62 17.28
C THR A 494 -0.07 24.83 17.14
N VAL A 495 -0.53 24.22 18.25
CA VAL A 495 -1.80 23.50 18.25
C VAL A 495 -2.94 24.39 17.77
N GLU A 496 -2.98 25.64 18.25
CA GLU A 496 -4.01 26.58 17.80
C GLU A 496 -3.90 26.85 16.31
N GLN A 497 -2.69 27.19 15.86
CA GLN A 497 -2.44 27.30 14.44
C GLN A 497 -2.99 26.08 13.71
N LEU A 498 -2.45 24.90 14.05
CA LEU A 498 -2.80 23.68 13.34
C LEU A 498 -4.30 23.38 13.42
N LYS A 499 -4.88 23.41 14.62
CA LYS A 499 -6.31 23.08 14.78
C LYS A 499 -7.20 23.90 13.86
N LYS A 500 -6.87 25.18 13.68
CA LYS A 500 -7.58 26.00 12.70
C LYS A 500 -7.32 25.50 11.28
N ARG A 501 -6.03 25.27 10.94
CA ARG A 501 -5.71 24.68 9.65
C ARG A 501 -6.42 23.35 9.46
N TYR A 502 -6.48 22.54 10.52
CA TYR A 502 -7.23 21.28 10.50
C TYR A 502 -8.70 21.49 10.14
N HIS A 503 -9.38 22.41 10.85
CA HIS A 503 -10.81 22.63 10.57
C HIS A 503 -11.02 23.32 9.23
N GLU A 504 -10.06 24.14 8.79
CA GLU A 504 -10.14 24.75 7.47
C GLU A 504 -10.09 23.69 6.37
N LEU A 505 -9.13 22.77 6.45
CA LEU A 505 -9.05 21.69 5.47
C LEU A 505 -10.32 20.85 5.47
N ARG A 506 -10.85 20.52 6.65
CA ARG A 506 -12.12 19.78 6.71
C ARG A 506 -13.22 20.53 5.97
N LYS A 507 -13.23 21.85 6.08
CA LYS A 507 -14.27 22.67 5.40
C LYS A 507 -13.98 22.73 3.89
N THR A 508 -12.71 22.92 3.52
CA THR A 508 -12.31 22.99 2.09
C THR A 508 -12.62 21.65 1.40
N TYR A 509 -12.35 20.55 2.09
CA TYR A 509 -12.55 19.20 1.48
C TYR A 509 -14.01 18.77 1.64
N LYS A 510 -14.83 19.63 2.26
CA LYS A 510 -16.28 19.35 2.41
C LYS A 510 -16.50 18.11 3.28
N VAL A 511 -15.66 17.93 4.30
CA VAL A 511 -15.83 16.78 5.24
C VAL A 511 -17.10 17.00 6.05
N PRO A 512 -18.00 16.01 6.12
CA PRO A 512 -19.22 16.15 6.91
C PRO A 512 -18.86 16.27 8.39
N GLU A 513 -19.66 17.03 9.14
CA GLU A 513 -19.46 17.11 10.57
C GLU A 513 -19.88 15.79 11.21
N ASN A 514 -19.22 15.42 12.29
CA ASN A 514 -19.39 14.12 12.93
C ASN A 514 -18.85 12.97 12.08
N SER A 515 -18.07 13.28 11.05
CA SER A 515 -17.31 12.27 10.32
C SER A 515 -15.83 12.41 10.66
N PRO A 516 -15.10 11.30 10.78
CA PRO A 516 -15.52 9.89 10.59
C PRO A 516 -16.47 9.33 11.68
N GLY A 517 -16.62 10.02 12.80
CA GLY A 517 -17.53 9.58 13.84
C GLY A 517 -16.84 8.79 14.94
N GLY A 518 -17.26 9.04 16.18
CA GLY A 518 -16.74 8.32 17.32
C GLY A 518 -17.53 7.06 17.65
N LYS A 519 -17.20 6.48 18.81
CA LYS A 519 -17.66 5.14 19.18
C LYS A 519 -19.18 4.99 19.12
N GLY A 520 -19.93 6.05 19.42
CA GLY A 520 -21.36 5.88 19.36
C GLY A 520 -21.98 5.92 17.99
N THR A 521 -21.18 5.95 16.93
CA THR A 521 -21.74 6.13 15.60
C THR A 521 -21.39 4.95 14.71
N PRO A 522 -22.24 4.59 13.75
CA PRO A 522 -21.85 3.56 12.80
C PRO A 522 -20.82 4.10 11.82
N ILE A 523 -20.03 3.18 11.25
CA ILE A 523 -19.15 3.53 10.13
C ILE A 523 -19.99 4.21 9.04
N PRO A 524 -19.67 5.44 8.68
CA PRO A 524 -20.54 6.18 7.75
C PRO A 524 -20.66 5.56 6.37
N LYS A 525 -21.83 5.80 5.76
CA LYS A 525 -22.10 5.52 4.35
C LYS A 525 -22.23 6.83 3.59
N PHE A 526 -21.63 6.90 2.41
CA PHE A 526 -21.70 8.13 1.62
C PHE A 526 -22.18 7.81 0.22
N ASP A 527 -22.91 8.76 -0.35
CA ASP A 527 -23.17 8.77 -1.77
C ASP A 527 -22.08 9.58 -2.44
N ALA A 528 -21.64 9.11 -3.61
CA ALA A 528 -20.55 9.78 -4.30
C ALA A 528 -20.99 11.19 -4.70
N SER A 529 -20.04 12.11 -4.66
CA SER A 529 -20.36 13.51 -4.89
C SER A 529 -19.11 14.24 -5.38
N TRP A 530 -19.32 15.25 -6.23
CA TRP A 530 -18.21 16.00 -6.84
C TRP A 530 -18.56 17.41 -7.33
C1 NAG B . -6.78 -9.22 5.91
C2 NAG B . -5.44 -9.35 6.48
C3 NAG B . -5.25 -8.07 7.16
C4 NAG B . -5.29 -7.00 6.13
C5 NAG B . -6.59 -7.09 5.37
C6 NAG B . -6.71 -6.20 4.18
C7 NAG B . -5.16 -11.63 7.06
C8 NAG B . -5.39 -12.66 8.07
N2 NAG B . -5.48 -10.43 7.39
O1 NAG B . -7.18 -10.42 5.37
O3 NAG B . -4.07 -8.09 7.83
O4 NAG B . -5.22 -5.76 6.73
O5 NAG B . -6.72 -8.36 4.86
O6 NAG B . -5.67 -5.33 4.14
O7 NAG B . -4.73 -11.90 6.01
H1 NAG B . -7.50 -8.87 6.67
H2 NAG B . -4.68 -9.51 5.70
H3 NAG B . -6.07 -7.92 7.86
H4 NAG B . -4.44 -7.14 5.44
H5 NAG B . -7.41 -6.87 6.06
H61 NAG B . -7.65 -5.65 4.23
H62 NAG B . -6.73 -6.81 3.26
H81 NAG B . -4.92 -13.56 7.77
H82 NAG B . -4.98 -12.34 8.99
H83 NAG B . -6.43 -12.82 8.18
HN2 NAG B . -5.84 -10.24 8.31
HO1 NAG B . -7.79 -10.26 4.65
HO3 NAG B . -4.15 -8.67 8.60
HO4 NAG B . -4.54 -5.23 6.30
HO6 NAG B . -5.36 -5.24 3.24
CA CA C . -3.00 -2.17 0.84
#